data_6CSZ
#
_entry.id   6CSZ
#
_entity_poly.entity_id   1
_entity_poly.type   'polypeptide(L)'
_entity_poly.pdbx_seq_one_letter_code
;PMAKLLPRIKKKILAAAFK
;
_entity_poly.pdbx_strand_id   A
#
# COMPACT_ATOMS: atom_id res chain seq x y z
N PRO A 1 -2.72 11.81 2.12
CA PRO A 1 -1.63 12.57 1.55
C PRO A 1 -1.85 12.68 0.06
N MET A 2 -1.41 13.77 -0.55
CA MET A 2 -1.56 13.95 -1.99
C MET A 2 -0.69 12.97 -2.74
N ALA A 3 0.43 12.63 -2.12
CA ALA A 3 1.35 11.68 -2.68
C ALA A 3 0.74 10.30 -2.57
N LYS A 4 0.85 9.56 -3.63
CA LYS A 4 0.25 8.24 -3.72
C LYS A 4 1.10 7.19 -3.03
N LEU A 5 2.30 7.57 -2.64
CA LEU A 5 3.27 6.67 -1.99
C LEU A 5 2.67 5.90 -0.80
N LEU A 6 2.07 6.61 0.15
CA LEU A 6 1.47 5.94 1.32
C LEU A 6 0.35 4.94 0.92
N PRO A 7 -0.67 5.34 0.09
CA PRO A 7 -1.67 4.39 -0.45
C PRO A 7 -0.99 3.21 -1.18
N ARG A 8 0.08 3.48 -1.90
CA ARG A 8 0.85 2.45 -2.60
C ARG A 8 1.45 1.47 -1.61
N ILE A 9 1.99 2.00 -0.52
CA ILE A 9 2.54 1.18 0.55
C ILE A 9 1.47 0.25 1.09
N LYS A 10 0.27 0.79 1.34
CA LYS A 10 -0.87 -0.01 1.83
C LYS A 10 -1.22 -1.13 0.85
N LYS A 11 -1.21 -0.80 -0.43
CA LYS A 11 -1.49 -1.74 -1.49
C LYS A 11 -0.41 -2.84 -1.52
N LYS A 12 0.82 -2.45 -1.30
CA LYS A 12 1.94 -3.39 -1.24
C LYS A 12 1.84 -4.27 -0.01
N ILE A 13 1.35 -3.72 1.08
CA ILE A 13 1.14 -4.47 2.31
C ILE A 13 0.07 -5.54 2.08
N LEU A 14 -0.98 -5.17 1.37
CA LEU A 14 -2.04 -6.10 1.03
C LEU A 14 -1.53 -7.15 0.03
N ALA A 15 -0.58 -6.75 -0.79
CA ALA A 15 0.05 -7.64 -1.76
C ALA A 15 0.93 -8.65 -1.03
N ALA A 16 1.62 -8.19 0.00
CA ALA A 16 2.46 -9.05 0.82
C ALA A 16 1.60 -9.99 1.66
N ALA A 17 0.39 -9.55 1.93
CA ALA A 17 -0.57 -10.35 2.67
C ALA A 17 -1.10 -11.49 1.80
N PHE A 18 -1.07 -11.29 0.50
CA PHE A 18 -1.52 -12.28 -0.45
C PHE A 18 -0.42 -13.34 -0.59
N LYS A 19 -0.56 -14.41 0.16
CA LYS A 19 0.43 -15.45 0.18
C LYS A 19 -0.17 -16.71 -0.37
N PRO A 1 -0.11 18.73 -2.67
CA PRO A 1 -0.83 17.64 -3.30
C PRO A 1 -0.90 16.51 -2.31
N MET A 2 -1.62 15.44 -2.61
CA MET A 2 -1.72 14.35 -1.66
C MET A 2 -0.62 13.34 -1.92
N ALA A 3 -0.30 12.56 -0.92
CA ALA A 3 0.76 11.59 -1.02
C ALA A 3 0.25 10.27 -1.48
N LYS A 4 0.52 9.93 -2.74
CA LYS A 4 0.09 8.65 -3.31
C LYS A 4 0.94 7.53 -2.73
N LEU A 5 2.06 7.94 -2.14
CA LEU A 5 3.03 7.05 -1.52
C LEU A 5 2.38 6.15 -0.47
N LEU A 6 1.52 6.76 0.36
CA LEU A 6 0.87 6.04 1.45
C LEU A 6 -0.10 4.93 0.94
N PRO A 7 -1.10 5.25 0.06
CA PRO A 7 -1.97 4.22 -0.52
C PRO A 7 -1.17 3.13 -1.24
N ARG A 8 -0.09 3.55 -1.92
CA ARG A 8 0.76 2.65 -2.67
C ARG A 8 1.56 1.69 -1.78
N ILE A 9 2.12 2.19 -0.68
CA ILE A 9 2.89 1.32 0.20
C ILE A 9 1.96 0.32 0.88
N LYS A 10 0.73 0.75 1.13
CA LYS A 10 -0.27 -0.11 1.70
C LYS A 10 -0.70 -1.18 0.70
N LYS A 11 -0.62 -0.88 -0.60
CA LYS A 11 -0.92 -1.86 -1.64
C LYS A 11 0.12 -2.97 -1.61
N LYS A 12 1.37 -2.60 -1.38
CA LYS A 12 2.47 -3.53 -1.29
C LYS A 12 2.34 -4.41 -0.05
N ILE A 13 1.77 -3.85 0.99
CA ILE A 13 1.53 -4.59 2.22
C ILE A 13 0.34 -5.53 2.00
N LEU A 14 -0.69 -5.03 1.33
CA LEU A 14 -1.89 -5.77 1.00
C LEU A 14 -1.56 -7.00 0.16
N ALA A 15 -0.80 -6.79 -0.90
CA ALA A 15 -0.42 -7.89 -1.83
C ALA A 15 0.40 -8.97 -1.11
N ALA A 16 1.10 -8.56 -0.08
CA ALA A 16 1.89 -9.47 0.70
C ALA A 16 0.98 -10.27 1.65
N ALA A 17 0.04 -9.56 2.26
CA ALA A 17 -0.88 -10.16 3.22
C ALA A 17 -1.92 -11.02 2.52
N PHE A 18 -2.27 -10.64 1.31
CA PHE A 18 -3.21 -11.37 0.52
C PHE A 18 -2.48 -12.45 -0.26
N LYS A 19 -2.10 -13.47 0.47
CA LYS A 19 -1.39 -14.59 -0.06
C LYS A 19 -1.49 -15.71 0.95
N PRO A 1 2.98 13.61 5.91
CA PRO A 1 1.82 12.74 6.02
C PRO A 1 0.81 13.15 4.97
N MET A 2 -0.12 12.25 4.65
CA MET A 2 -1.13 12.43 3.61
C MET A 2 -0.47 12.54 2.24
N ALA A 3 -0.10 11.42 1.68
CA ALA A 3 0.61 11.38 0.41
C ALA A 3 0.04 10.26 -0.46
N LYS A 4 0.23 10.37 -1.76
CA LYS A 4 -0.24 9.37 -2.73
C LYS A 4 0.62 8.11 -2.69
N LEU A 5 1.79 8.24 -2.13
CA LEU A 5 2.72 7.15 -2.06
C LEU A 5 2.38 6.23 -0.89
N LEU A 6 1.63 6.75 0.06
CA LEU A 6 1.24 6.00 1.24
C LEU A 6 0.27 4.84 0.92
N PRO A 7 -0.84 5.07 0.16
CA PRO A 7 -1.70 3.98 -0.31
C PRO A 7 -0.92 2.98 -1.16
N ARG A 8 0.17 3.44 -1.80
CA ARG A 8 1.01 2.54 -2.59
C ARG A 8 1.77 1.59 -1.66
N ILE A 9 2.16 2.11 -0.50
CA ILE A 9 2.80 1.29 0.52
C ILE A 9 1.80 0.29 1.07
N LYS A 10 0.59 0.77 1.31
CA LYS A 10 -0.50 -0.06 1.81
C LYS A 10 -0.85 -1.16 0.82
N LYS A 11 -0.77 -0.84 -0.47
CA LYS A 11 -1.00 -1.81 -1.52
C LYS A 11 0.05 -2.91 -1.48
N LYS A 12 1.30 -2.55 -1.19
CA LYS A 12 2.36 -3.53 -1.06
C LYS A 12 2.07 -4.46 0.10
N ILE A 13 1.57 -3.88 1.18
CA ILE A 13 1.19 -4.63 2.37
C ILE A 13 0.04 -5.59 2.03
N LEU A 14 -0.93 -5.09 1.29
CA LEU A 14 -2.09 -5.86 0.86
C LEU A 14 -1.67 -7.02 -0.04
N ALA A 15 -0.76 -6.75 -0.96
CA ALA A 15 -0.27 -7.76 -1.89
C ALA A 15 0.67 -8.76 -1.20
N ALA A 16 1.25 -8.34 -0.09
CA ALA A 16 2.11 -9.22 0.69
C ALA A 16 1.26 -10.05 1.66
N ALA A 17 0.12 -9.53 2.02
CA ALA A 17 -0.79 -10.21 2.90
C ALA A 17 -1.57 -11.27 2.14
N PHE A 18 -2.08 -10.88 0.99
CA PHE A 18 -2.83 -11.79 0.15
C PHE A 18 -1.86 -12.58 -0.73
N LYS A 19 -1.66 -13.82 -0.40
CA LYS A 19 -0.74 -14.66 -1.11
C LYS A 19 -1.20 -16.12 -1.07
N PRO A 1 -4.96 11.59 0.15
CA PRO A 1 -4.16 11.68 1.36
C PRO A 1 -3.01 12.63 1.10
N MET A 2 -2.31 13.02 2.14
CA MET A 2 -1.14 13.89 2.00
C MET A 2 -0.01 13.10 1.37
N ALA A 3 0.29 11.98 1.96
CA ALA A 3 1.31 11.12 1.45
C ALA A 3 0.68 10.18 0.44
N LYS A 4 0.97 10.41 -0.81
CA LYS A 4 0.44 9.60 -1.90
C LYS A 4 1.17 8.26 -1.94
N LEU A 5 2.22 8.19 -1.16
CA LEU A 5 2.98 6.97 -0.98
C LEU A 5 2.20 6.01 -0.10
N LEU A 6 1.33 6.54 0.75
CA LEU A 6 0.54 5.73 1.70
C LEU A 6 -0.32 4.66 0.97
N PRO A 7 -1.16 5.02 -0.06
CA PRO A 7 -1.93 4.01 -0.80
C PRO A 7 -1.01 3.04 -1.54
N ARG A 8 0.12 3.55 -2.00
CA ARG A 8 1.07 2.77 -2.78
C ARG A 8 1.81 1.75 -1.92
N ILE A 9 2.21 2.14 -0.73
CA ILE A 9 2.87 1.22 0.18
C ILE A 9 1.88 0.21 0.70
N LYS A 10 0.63 0.66 0.93
CA LYS A 10 -0.41 -0.24 1.40
C LYS A 10 -0.71 -1.24 0.31
N LYS A 11 -0.64 -0.79 -0.95
CA LYS A 11 -0.89 -1.62 -2.12
C LYS A 11 0.09 -2.82 -2.15
N LYS A 12 1.31 -2.56 -1.74
CA LYS A 12 2.34 -3.57 -1.70
C LYS A 12 2.15 -4.47 -0.47
N ILE A 13 2.09 -3.84 0.69
CA ILE A 13 1.99 -4.54 1.98
C ILE A 13 0.70 -5.39 2.07
N LEU A 14 -0.39 -4.87 1.55
CA LEU A 14 -1.68 -5.56 1.54
C LEU A 14 -1.63 -6.78 0.66
N ALA A 15 -0.96 -6.66 -0.47
CA ALA A 15 -0.86 -7.77 -1.42
C ALA A 15 -0.05 -8.90 -0.83
N ALA A 16 0.96 -8.57 -0.06
CA ALA A 16 1.78 -9.55 0.61
C ALA A 16 1.00 -10.22 1.73
N ALA A 17 0.09 -9.48 2.34
CA ALA A 17 -0.75 -10.00 3.41
C ALA A 17 -1.90 -10.82 2.84
N PHE A 18 -2.28 -10.49 1.63
CA PHE A 18 -3.34 -11.17 0.94
C PHE A 18 -2.81 -12.47 0.35
N LYS A 19 -2.91 -13.50 1.12
CA LYS A 19 -2.46 -14.79 0.71
C LYS A 19 -3.66 -15.67 0.53
N PRO A 1 -1.31 15.56 6.01
CA PRO A 1 -1.88 15.57 4.68
C PRO A 1 -1.98 14.15 4.16
N MET A 2 -2.93 13.91 3.28
CA MET A 2 -3.10 12.59 2.70
C MET A 2 -2.02 12.34 1.66
N ALA A 3 -1.13 11.43 1.98
CA ALA A 3 -0.04 11.08 1.10
C ALA A 3 -0.54 10.13 0.02
N LYS A 4 -0.02 10.27 -1.17
CA LYS A 4 -0.41 9.45 -2.31
C LYS A 4 0.44 8.21 -2.41
N LEU A 5 1.66 8.29 -1.93
CA LEU A 5 2.53 7.13 -1.93
C LEU A 5 2.22 6.22 -0.77
N LEU A 6 1.49 6.74 0.21
CA LEU A 6 1.05 5.94 1.36
C LEU A 6 0.10 4.79 0.93
N PRO A 7 -1.00 5.03 0.12
CA PRO A 7 -1.85 3.95 -0.40
C PRO A 7 -1.05 2.95 -1.26
N ARG A 8 0.04 3.44 -1.86
CA ARG A 8 0.94 2.59 -2.63
C ARG A 8 1.64 1.63 -1.67
N ILE A 9 2.16 2.18 -0.56
CA ILE A 9 2.80 1.40 0.52
C ILE A 9 1.78 0.41 1.10
N LYS A 10 0.56 0.91 1.23
CA LYS A 10 -0.57 0.15 1.73
C LYS A 10 -0.83 -1.05 0.81
N LYS A 11 -0.61 -0.87 -0.49
CA LYS A 11 -0.82 -1.93 -1.45
C LYS A 11 0.36 -2.90 -1.45
N LYS A 12 1.57 -2.39 -1.17
CA LYS A 12 2.77 -3.23 -1.11
C LYS A 12 2.57 -4.35 -0.12
N ILE A 13 2.07 -4.00 1.04
CA ILE A 13 1.84 -4.96 2.10
C ILE A 13 0.50 -5.67 1.91
N LEU A 14 -0.41 -5.06 1.16
CA LEU A 14 -1.71 -5.64 0.84
C LEU A 14 -1.51 -6.81 -0.10
N ALA A 15 -0.57 -6.65 -1.01
CA ALA A 15 -0.25 -7.68 -1.99
C ALA A 15 0.38 -8.90 -1.31
N ALA A 16 0.91 -8.68 -0.14
CA ALA A 16 1.52 -9.74 0.63
C ALA A 16 0.49 -10.42 1.53
N ALA A 17 -0.19 -9.61 2.36
CA ALA A 17 -1.16 -10.12 3.33
C ALA A 17 -2.41 -10.69 2.68
N PHE A 18 -2.82 -10.10 1.60
CA PHE A 18 -4.00 -10.52 0.88
C PHE A 18 -3.52 -11.13 -0.43
N LYS A 19 -4.15 -12.19 -0.88
CA LYS A 19 -3.69 -12.86 -2.07
C LYS A 19 -4.60 -12.55 -3.24
N PRO A 1 -4.27 16.65 1.96
CA PRO A 1 -4.36 15.79 0.83
C PRO A 1 -3.76 14.48 1.21
N MET A 2 -4.10 13.44 0.51
CA MET A 2 -3.52 12.17 0.80
C MET A 2 -2.18 12.02 0.15
N ALA A 3 -1.21 11.63 0.94
CA ALA A 3 0.13 11.37 0.45
C ALA A 3 0.07 10.13 -0.41
N LYS A 4 0.29 10.30 -1.70
CA LYS A 4 0.16 9.28 -2.71
C LYS A 4 1.12 8.09 -2.53
N LEU A 5 2.18 8.27 -1.78
CA LEU A 5 3.11 7.17 -1.51
C LEU A 5 2.49 6.18 -0.53
N LEU A 6 1.64 6.66 0.34
CA LEU A 6 1.03 5.82 1.37
C LEU A 6 0.10 4.72 0.81
N PRO A 7 -0.83 5.02 -0.16
CA PRO A 7 -1.67 3.98 -0.76
C PRO A 7 -0.84 2.95 -1.49
N ARG A 8 0.34 3.36 -1.96
CA ARG A 8 1.24 2.46 -2.66
C ARG A 8 1.80 1.47 -1.65
N ILE A 9 2.21 1.98 -0.49
CA ILE A 9 2.70 1.14 0.59
C ILE A 9 1.58 0.21 1.08
N LYS A 10 0.38 0.76 1.20
CA LYS A 10 -0.77 -0.02 1.63
C LYS A 10 -1.17 -1.06 0.60
N LYS A 11 -0.90 -0.76 -0.65
CA LYS A 11 -1.15 -1.66 -1.76
C LYS A 11 -0.12 -2.79 -1.74
N LYS A 12 1.11 -2.43 -1.42
CA LYS A 12 2.17 -3.40 -1.29
C LYS A 12 1.89 -4.38 -0.16
N ILE A 13 1.63 -3.85 1.03
CA ILE A 13 1.39 -4.70 2.21
C ILE A 13 0.11 -5.52 2.09
N LEU A 14 -0.89 -5.00 1.37
CA LEU A 14 -2.13 -5.72 1.16
C LEU A 14 -1.88 -6.95 0.32
N ALA A 15 -1.11 -6.77 -0.73
CA ALA A 15 -0.79 -7.84 -1.66
C ALA A 15 0.19 -8.81 -1.03
N ALA A 16 1.13 -8.30 -0.25
CA ALA A 16 2.13 -9.12 0.43
C ALA A 16 1.49 -10.02 1.46
N ALA A 17 0.54 -9.49 2.21
CA ALA A 17 -0.16 -10.25 3.23
C ALA A 17 -1.20 -11.19 2.61
N PHE A 18 -1.49 -10.99 1.36
CA PHE A 18 -2.42 -11.81 0.65
C PHE A 18 -1.68 -13.06 0.18
N LYS A 19 -1.84 -14.11 0.90
CA LYS A 19 -1.18 -15.34 0.62
C LYS A 19 -2.18 -16.45 0.65
N PRO A 1 6.80 15.96 -0.01
CA PRO A 1 5.78 15.45 0.84
C PRO A 1 5.24 14.15 0.29
N MET A 2 5.53 13.06 0.95
CA MET A 2 5.08 11.75 0.52
C MET A 2 3.61 11.59 0.80
N ALA A 3 2.80 11.87 -0.18
CA ALA A 3 1.37 11.75 -0.05
C ALA A 3 0.83 10.69 -0.98
N LYS A 4 1.43 10.58 -2.16
CA LYS A 4 0.97 9.63 -3.18
C LYS A 4 1.48 8.23 -2.87
N LEU A 5 2.59 8.16 -2.17
CA LEU A 5 3.20 6.87 -1.81
C LEU A 5 2.42 6.20 -0.68
N LEU A 6 1.63 6.99 0.02
CA LEU A 6 0.89 6.52 1.19
C LEU A 6 -0.12 5.38 0.87
N PRO A 7 -1.01 5.50 -0.17
CA PRO A 7 -1.88 4.38 -0.54
C PRO A 7 -1.08 3.26 -1.19
N ARG A 8 -0.03 3.65 -1.92
CA ARG A 8 0.80 2.71 -2.68
C ARG A 8 1.52 1.73 -1.76
N ILE A 9 2.11 2.23 -0.69
CA ILE A 9 2.83 1.37 0.25
C ILE A 9 1.89 0.37 0.93
N LYS A 10 0.66 0.81 1.18
CA LYS A 10 -0.35 -0.03 1.81
C LYS A 10 -0.77 -1.14 0.87
N LYS A 11 -0.79 -0.85 -0.42
CA LYS A 11 -1.12 -1.86 -1.43
C LYS A 11 -0.07 -2.96 -1.44
N LYS A 12 1.16 -2.60 -1.12
CA LYS A 12 2.27 -3.56 -1.11
C LYS A 12 2.13 -4.47 0.09
N ILE A 13 1.69 -3.89 1.19
CA ILE A 13 1.46 -4.61 2.44
C ILE A 13 0.30 -5.58 2.23
N LEU A 14 -0.74 -5.07 1.57
CA LEU A 14 -1.89 -5.86 1.23
C LEU A 14 -1.50 -6.99 0.27
N ALA A 15 -0.66 -6.66 -0.71
CA ALA A 15 -0.17 -7.62 -1.70
C ALA A 15 0.72 -8.69 -1.08
N ALA A 16 1.20 -8.43 0.11
CA ALA A 16 2.00 -9.40 0.81
C ALA A 16 1.10 -10.50 1.38
N ALA A 17 -0.01 -10.09 1.97
CA ALA A 17 -0.94 -11.04 2.56
C ALA A 17 -1.85 -11.60 1.49
N PHE A 18 -2.39 -10.73 0.70
CA PHE A 18 -3.28 -11.07 -0.36
C PHE A 18 -2.50 -11.29 -1.63
N LYS A 19 -2.64 -12.44 -2.19
CA LYS A 19 -1.93 -12.79 -3.39
C LYS A 19 -2.85 -12.56 -4.58
N PRO A 1 -2.38 16.49 3.39
CA PRO A 1 -2.99 15.69 2.35
C PRO A 1 -2.20 14.43 2.21
N MET A 2 -2.88 13.35 1.89
CA MET A 2 -2.27 12.07 1.74
C MET A 2 -1.66 11.98 0.36
N ALA A 3 -0.40 11.71 0.32
CA ALA A 3 0.29 11.51 -0.92
C ALA A 3 0.01 10.09 -1.38
N LYS A 4 -0.04 9.88 -2.68
CA LYS A 4 -0.36 8.59 -3.29
C LYS A 4 0.62 7.51 -2.84
N LEU A 5 1.80 7.95 -2.46
CA LEU A 5 2.87 7.13 -1.98
C LEU A 5 2.39 6.22 -0.83
N LEU A 6 1.61 6.77 0.10
CA LEU A 6 1.14 6.01 1.26
C LEU A 6 0.20 4.85 0.90
N PRO A 7 -0.95 5.10 0.16
CA PRO A 7 -1.83 4.01 -0.29
C PRO A 7 -1.06 2.96 -1.11
N ARG A 8 -0.08 3.42 -1.89
CA ARG A 8 0.77 2.52 -2.68
C ARG A 8 1.55 1.58 -1.77
N ILE A 9 2.12 2.13 -0.69
CA ILE A 9 2.84 1.33 0.30
C ILE A 9 1.88 0.32 0.93
N LYS A 10 0.69 0.80 1.26
CA LYS A 10 -0.34 -0.04 1.86
C LYS A 10 -0.75 -1.16 0.92
N LYS A 11 -0.84 -0.87 -0.35
CA LYS A 11 -1.16 -1.89 -1.34
C LYS A 11 -0.05 -2.92 -1.49
N LYS A 12 1.16 -2.54 -1.15
CA LYS A 12 2.26 -3.49 -1.18
C LYS A 12 2.21 -4.40 0.04
N ILE A 13 1.69 -3.85 1.13
CA ILE A 13 1.47 -4.63 2.34
C ILE A 13 0.32 -5.58 2.05
N LEU A 14 -0.68 -5.06 1.36
CA LEU A 14 -1.84 -5.84 0.91
C LEU A 14 -1.39 -6.95 -0.04
N ALA A 15 -0.40 -6.64 -0.86
CA ALA A 15 0.16 -7.60 -1.81
C ALA A 15 0.90 -8.71 -1.08
N ALA A 16 1.34 -8.43 0.12
CA ALA A 16 2.00 -9.41 0.94
C ALA A 16 0.96 -10.21 1.72
N ALA A 17 -0.17 -9.60 1.94
CA ALA A 17 -1.26 -10.23 2.66
C ALA A 17 -2.02 -11.19 1.75
N PHE A 18 -2.31 -10.74 0.54
CA PHE A 18 -2.97 -11.56 -0.46
C PHE A 18 -1.93 -12.46 -1.07
N LYS A 19 -2.09 -13.73 -0.90
CA LYS A 19 -1.13 -14.68 -1.32
C LYS A 19 -1.81 -15.72 -2.18
N PRO A 1 -2.27 12.68 5.04
CA PRO A 1 -2.97 13.39 3.99
C PRO A 1 -2.83 12.61 2.71
N MET A 2 -3.19 13.20 1.59
CA MET A 2 -3.11 12.52 0.31
C MET A 2 -1.69 12.55 -0.23
N ALA A 3 -0.92 11.57 0.16
CA ALA A 3 0.40 11.37 -0.36
C ALA A 3 0.40 10.06 -1.07
N LYS A 4 0.75 10.06 -2.35
CA LYS A 4 0.70 8.86 -3.21
C LYS A 4 1.50 7.67 -2.67
N LEU A 5 2.48 7.94 -1.83
CA LEU A 5 3.30 6.89 -1.28
C LEU A 5 2.50 6.00 -0.34
N LEU A 6 1.55 6.60 0.39
CA LEU A 6 0.78 5.87 1.39
C LEU A 6 -0.09 4.74 0.78
N PRO A 7 -0.99 5.03 -0.22
CA PRO A 7 -1.79 3.99 -0.88
C PRO A 7 -0.91 2.94 -1.53
N ARG A 8 0.25 3.37 -2.05
CA ARG A 8 1.17 2.44 -2.68
C ARG A 8 1.77 1.49 -1.67
N ILE A 9 2.25 2.03 -0.55
CA ILE A 9 2.79 1.22 0.53
C ILE A 9 1.71 0.27 1.06
N LYS A 10 0.50 0.80 1.20
CA LYS A 10 -0.64 0.04 1.67
C LYS A 10 -0.94 -1.12 0.71
N LYS A 11 -0.91 -0.83 -0.58
CA LYS A 11 -1.17 -1.81 -1.63
C LYS A 11 -0.10 -2.90 -1.62
N LYS A 12 1.14 -2.51 -1.37
CA LYS A 12 2.25 -3.45 -1.28
C LYS A 12 2.05 -4.38 -0.10
N ILE A 13 1.62 -3.81 1.01
CA ILE A 13 1.34 -4.59 2.20
C ILE A 13 0.16 -5.52 1.94
N LEU A 14 -0.88 -4.97 1.37
CA LEU A 14 -2.10 -5.70 1.07
C LEU A 14 -1.84 -6.88 0.14
N ALA A 15 -1.09 -6.66 -0.92
CA ALA A 15 -0.81 -7.71 -1.89
C ALA A 15 0.16 -8.76 -1.34
N ALA A 16 0.92 -8.39 -0.34
CA ALA A 16 1.87 -9.30 0.25
C ALA A 16 1.25 -10.11 1.39
N ALA A 17 0.65 -9.41 2.34
CA ALA A 17 0.10 -10.03 3.53
C ALA A 17 -1.25 -10.67 3.28
N PHE A 18 -2.09 -10.01 2.52
CA PHE A 18 -3.40 -10.53 2.24
C PHE A 18 -3.30 -11.34 0.97
N LYS A 19 -3.46 -12.61 1.11
CA LYS A 19 -3.31 -13.52 0.02
C LYS A 19 -4.67 -14.01 -0.39
N PRO A 1 -5.29 10.81 -2.85
CA PRO A 1 -3.95 10.58 -2.37
C PRO A 1 -3.24 11.89 -2.10
N MET A 2 -3.28 12.34 -0.87
CA MET A 2 -2.57 13.53 -0.48
C MET A 2 -1.14 13.16 -0.23
N ALA A 3 -0.95 12.12 0.53
CA ALA A 3 0.33 11.54 0.71
C ALA A 3 0.35 10.35 -0.21
N LYS A 4 0.72 10.61 -1.45
CA LYS A 4 0.62 9.65 -2.54
C LYS A 4 1.39 8.36 -2.35
N LEU A 5 2.42 8.36 -1.52
CA LEU A 5 3.16 7.13 -1.27
C LEU A 5 2.42 6.20 -0.34
N LEU A 6 1.51 6.74 0.48
CA LEU A 6 0.78 5.93 1.46
C LEU A 6 -0.11 4.86 0.82
N PRO A 7 -1.04 5.19 -0.13
CA PRO A 7 -1.85 4.17 -0.80
C PRO A 7 -0.97 3.17 -1.55
N ARG A 8 0.10 3.66 -2.15
CA ARG A 8 1.02 2.85 -2.91
C ARG A 8 1.67 1.76 -2.04
N ILE A 9 2.23 2.16 -0.92
CA ILE A 9 2.86 1.21 -0.01
C ILE A 9 1.83 0.36 0.72
N LYS A 10 0.62 0.91 0.87
CA LYS A 10 -0.47 0.20 1.51
C LYS A 10 -0.88 -1.00 0.64
N LYS A 11 -0.83 -0.81 -0.67
CA LYS A 11 -1.13 -1.88 -1.62
C LYS A 11 -0.08 -2.98 -1.51
N LYS A 12 1.14 -2.58 -1.25
CA LYS A 12 2.25 -3.50 -1.13
C LYS A 12 2.14 -4.36 0.12
N ILE A 13 1.82 -3.73 1.24
CA ILE A 13 1.66 -4.46 2.49
C ILE A 13 0.37 -5.32 2.46
N LEU A 14 -0.55 -4.92 1.58
CA LEU A 14 -1.79 -5.65 1.38
C LEU A 14 -1.51 -6.90 0.58
N ALA A 15 -0.97 -6.72 -0.63
CA ALA A 15 -0.70 -7.81 -1.57
C ALA A 15 0.28 -8.83 -1.02
N ALA A 16 1.04 -8.43 -0.02
CA ALA A 16 1.94 -9.33 0.64
C ALA A 16 1.16 -10.42 1.37
N ALA A 17 0.14 -10.02 2.11
CA ALA A 17 -0.65 -10.98 2.86
C ALA A 17 -1.85 -11.46 2.04
N PHE A 18 -2.54 -10.52 1.46
CA PHE A 18 -3.74 -10.78 0.70
C PHE A 18 -3.35 -11.32 -0.68
N LYS A 19 -3.64 -12.56 -0.90
CA LYS A 19 -3.27 -13.22 -2.11
C LYS A 19 -4.40 -14.09 -2.60
#